data_2ZB3
#
_entry.id   2ZB3
#
_cell.length_a   85.829
_cell.length_b   85.829
_cell.length_c   100.906
_cell.angle_alpha   90.00
_cell.angle_beta   90.00
_cell.angle_gamma   90.00
#
_symmetry.space_group_name_H-M   'P 41 21 2'
#
loop_
_entity.id
_entity.type
_entity.pdbx_description
1 polymer 'Prostaglandin reductase 2'
2 non-polymer 'NADPH DIHYDRO-NICOTINAMIDE-ADENINE-DINUCLEOTIDE PHOSPHATE'
3 water water
#
_entity_poly.entity_id   1
_entity_poly.type   'polypeptide(L)'
_entity_poly.pdbx_seq_one_letter_code
;GSMIIQRVVLNSRPGKNGNTVAENFRVEEFSLPDALNEGQVQVRTLYLSVDPYMRCKMNEDTGTDYLAPWQLAQVADGGG
IGVVEESKHQKLTKGDFVTSFYWPWQTKAILDGNGLEKVDPQLVDGHLSYFLGAIGMPGLTSLIGVQEKGHISAGSNQTM
VVSGAAGACGSLAGQIGHLLGCSRVVGICGTQEKCLFLTSELGFDAAVNYKTGNVAEQLREACPGGVDVYFDNVGGDISN
AVISQMNENSHIILCGQISQYSNDVPYPPPLPPAVEAIRKERNITRERFTVLNYKDKFEPGILQLSQWFKEGKLKVKETM
AKGLENMGVAFQSMMTGGNVGKQIVCISEDSSL
;
_entity_poly.pdbx_strand_id   A
#
loop_
_chem_comp.id
_chem_comp.type
_chem_comp.name
_chem_comp.formula
NDP non-polymer 'NADPH DIHYDRO-NICOTINAMIDE-ADENINE-DINUCLEOTIDE PHOSPHATE' 'C21 H30 N7 O17 P3'
#
# COMPACT_ATOMS: atom_id res chain seq x y z
N ILE A 4 12.47 27.08 11.78
CA ILE A 4 12.84 26.54 10.43
C ILE A 4 12.09 25.24 10.08
N ILE A 5 12.23 24.21 10.92
CA ILE A 5 11.61 22.95 10.60
C ILE A 5 10.19 22.78 11.07
N GLN A 6 9.32 22.19 10.21
CA GLN A 6 7.93 21.92 10.58
C GLN A 6 7.87 20.41 10.86
N ARG A 7 6.97 20.00 11.75
CA ARG A 7 6.76 18.56 12.04
C ARG A 7 5.31 18.35 12.40
N VAL A 8 4.83 17.19 12.01
CA VAL A 8 3.43 16.88 12.19
C VAL A 8 3.30 15.92 13.30
N VAL A 9 2.45 16.22 14.30
CA VAL A 9 2.25 15.27 15.40
C VAL A 9 0.81 14.79 15.40
N LEU A 10 0.58 13.66 16.06
CA LEU A 10 -0.78 13.14 16.25
C LEU A 10 -1.41 13.95 17.36
N ASN A 11 -2.42 14.72 17.02
CA ASN A 11 -3.15 15.58 17.94
C ASN A 11 -4.25 14.89 18.70
N SER A 12 -5.02 14.04 18.02
CA SER A 12 -6.08 13.30 18.68
C SER A 12 -6.24 11.98 17.95
N ARG A 13 -6.95 11.05 18.59
CA ARG A 13 -7.21 9.73 18.02
C ARG A 13 -8.70 9.70 17.71
N PRO A 14 -9.09 9.00 16.64
CA PRO A 14 -10.54 8.98 16.33
C PRO A 14 -11.36 8.04 17.17
N GLY A 15 -10.71 7.25 17.98
CA GLY A 15 -11.46 6.25 18.72
C GLY A 15 -11.34 5.00 17.86
N LYS A 16 -11.41 3.83 18.45
CA LYS A 16 -11.27 2.59 17.69
C LYS A 16 -12.30 2.45 16.57
N ASN A 17 -13.48 3.02 16.78
CA ASN A 17 -14.56 2.91 15.80
C ASN A 17 -14.86 4.19 15.06
N GLY A 18 -14.00 5.20 15.21
CA GLY A 18 -14.25 6.45 14.53
C GLY A 18 -13.65 6.54 13.14
N ASN A 19 -14.03 7.60 12.43
CA ASN A 19 -13.47 7.85 11.09
C ASN A 19 -12.49 8.98 11.33
N THR A 20 -11.38 8.98 10.61
CA THR A 20 -10.43 10.07 10.76
C THR A 20 -10.91 11.44 10.28
N VAL A 21 -10.34 12.49 10.86
CA VAL A 21 -10.59 13.81 10.41
C VAL A 21 -9.17 14.37 10.17
N ALA A 22 -9.04 15.39 9.33
CA ALA A 22 -7.75 15.98 9.00
C ALA A 22 -7.08 16.49 10.26
N GLU A 23 -7.92 17.04 11.11
CA GLU A 23 -7.52 17.61 12.37
C GLU A 23 -6.83 16.58 13.34
N ASN A 24 -6.88 15.28 13.02
CA ASN A 24 -6.22 14.30 13.89
C ASN A 24 -4.74 14.62 13.93
N PHE A 25 -4.22 15.31 12.92
CA PHE A 25 -2.81 15.63 12.90
C PHE A 25 -2.67 17.14 13.00
N ARG A 26 -1.52 17.56 13.48
CA ARG A 26 -1.25 18.98 13.71
C ARG A 26 0.22 19.31 13.40
N VAL A 27 0.43 20.45 12.80
CA VAL A 27 1.77 20.87 12.44
C VAL A 27 2.35 21.80 13.50
N GLU A 28 3.66 21.69 13.73
CA GLU A 28 4.34 22.59 14.70
C GLU A 28 5.75 22.79 14.20
N GLU A 29 6.38 23.83 14.75
CA GLU A 29 7.72 24.25 14.43
C GLU A 29 8.63 23.89 15.58
N PHE A 30 9.87 23.60 15.23
CA PHE A 30 10.87 23.19 16.19
C PHE A 30 12.26 23.48 15.64
N SER A 31 13.25 23.49 16.51
CA SER A 31 14.61 23.78 16.05
C SER A 31 15.39 22.46 15.97
N LEU A 32 16.05 22.29 14.84
CA LEU A 32 16.83 21.10 14.61
C LEU A 32 18.18 21.35 15.26
N PRO A 33 18.78 20.34 15.88
CA PRO A 33 20.08 20.62 16.49
C PRO A 33 21.08 20.78 15.35
N ASP A 34 21.88 21.86 15.36
CA ASP A 34 22.84 22.11 14.28
C ASP A 34 24.12 21.28 14.20
N ALA A 35 24.32 20.40 15.17
CA ALA A 35 25.50 19.56 15.15
C ALA A 35 25.12 18.08 15.06
N LEU A 36 25.79 17.37 14.15
CA LEU A 36 25.58 15.95 13.97
C LEU A 36 26.61 15.22 14.85
N ASN A 37 26.18 14.24 15.64
CA ASN A 37 27.11 13.49 16.48
C ASN A 37 27.61 12.39 15.58
N GLU A 38 28.60 11.67 16.04
CA GLU A 38 29.13 10.58 15.24
C GLU A 38 28.01 9.63 14.81
N GLY A 39 27.97 9.29 13.54
CA GLY A 39 26.98 8.35 13.06
C GLY A 39 25.71 8.91 12.46
N GLN A 40 25.40 10.17 12.68
CA GLN A 40 24.16 10.69 12.12
C GLN A 40 24.30 11.42 10.79
N VAL A 41 23.15 11.54 10.10
CA VAL A 41 23.05 12.34 8.86
C VAL A 41 21.89 13.32 9.01
N GLN A 42 21.99 14.43 8.31
CA GLN A 42 20.92 15.39 8.30
C GLN A 42 20.30 15.24 6.91
N VAL A 43 18.99 15.06 6.84
CA VAL A 43 18.38 14.84 5.55
C VAL A 43 17.27 15.83 5.25
N ARG A 44 17.02 16.08 3.97
CA ARG A 44 15.94 17.00 3.66
C ARG A 44 14.86 16.08 3.10
N THR A 45 13.65 16.15 3.67
CA THR A 45 12.57 15.28 3.20
C THR A 45 12.03 15.64 1.82
N LEU A 46 12.00 14.69 0.91
CA LEU A 46 11.40 14.94 -0.41
C LEU A 46 9.94 14.47 -0.51
N TYR A 47 9.64 13.26 -0.07
CA TYR A 47 8.27 12.73 -0.18
C TYR A 47 7.93 11.87 1.04
N LEU A 48 6.67 11.89 1.43
CA LEU A 48 6.30 11.06 2.53
C LEU A 48 5.11 10.23 2.02
N SER A 49 4.98 8.99 2.51
CA SER A 49 3.85 8.18 2.15
C SER A 49 2.74 8.27 3.20
N VAL A 50 1.50 8.01 2.78
CA VAL A 50 0.43 7.85 3.76
C VAL A 50 -0.14 6.48 3.29
N ASP A 51 -0.52 5.64 4.26
CA ASP A 51 -0.94 4.26 3.97
C ASP A 51 -2.02 3.82 4.97
N PRO A 52 -2.91 2.94 4.52
CA PRO A 52 -4.02 2.44 5.36
C PRO A 52 -3.57 1.86 6.69
N TYR A 53 -2.41 1.18 6.73
CA TYR A 53 -1.97 0.64 8.03
C TYR A 53 -1.85 1.75 9.07
N MET A 54 -1.62 2.99 8.65
CA MET A 54 -1.50 4.05 9.64
C MET A 54 -2.80 4.28 10.45
N ARG A 55 -3.94 3.81 9.93
CA ARG A 55 -5.20 3.99 10.68
C ARG A 55 -5.04 3.22 12.06
N CYS A 56 -4.40 2.07 11.99
CA CYS A 56 -4.17 1.26 13.17
C CYS A 56 -3.22 1.98 14.14
N LYS A 57 -2.23 2.70 13.63
CA LYS A 57 -1.30 3.38 14.53
C LYS A 57 -1.92 4.57 15.22
N MET A 58 -3.15 4.92 14.84
CA MET A 58 -3.83 6.04 15.47
C MET A 58 -4.60 5.53 16.67
N ASN A 59 -4.70 4.21 16.80
CA ASN A 59 -5.41 3.65 17.96
C ASN A 59 -4.46 3.50 19.17
N GLU A 60 -4.96 3.63 20.41
CA GLU A 60 -4.09 3.43 21.59
C GLU A 60 -3.49 2.04 21.51
N ASP A 61 -4.23 1.11 20.94
CA ASP A 61 -3.71 -0.24 20.71
C ASP A 61 -3.90 -0.52 19.20
N THR A 62 -2.80 -0.85 18.52
CA THR A 62 -2.86 -1.09 17.08
C THR A 62 -3.48 -2.38 16.64
N GLY A 63 -3.51 -3.37 17.54
CA GLY A 63 -4.08 -4.65 17.21
C GLY A 63 -3.11 -5.39 16.34
N THR A 64 -1.90 -4.93 16.28
CA THR A 64 -0.95 -5.65 15.48
C THR A 64 0.25 -5.61 16.41
N ASP A 65 0.94 -6.74 16.52
CA ASP A 65 2.06 -6.82 17.41
C ASP A 65 3.32 -6.33 16.76
N TYR A 66 3.26 -6.02 15.46
CA TYR A 66 4.43 -5.48 14.77
C TYR A 66 4.28 -3.98 14.33
N LEU A 67 3.31 -3.29 14.90
CA LEU A 67 3.11 -1.87 14.60
C LEU A 67 2.88 -1.19 15.94
N ALA A 68 3.68 -0.22 16.32
CA ALA A 68 3.45 0.44 17.57
C ALA A 68 2.50 1.59 17.32
N PRO A 69 1.71 1.96 18.34
CA PRO A 69 0.79 3.07 18.17
C PRO A 69 1.58 4.35 18.21
N TRP A 70 1.06 5.41 17.61
CA TRP A 70 1.70 6.70 17.68
C TRP A 70 1.22 7.33 18.97
N GLN A 71 2.03 8.14 19.66
CA GLN A 71 1.52 8.75 20.89
C GLN A 71 1.11 10.18 20.57
N LEU A 72 0.20 10.74 21.39
CA LEU A 72 -0.26 12.10 21.20
C LEU A 72 0.82 13.14 21.44
N ALA A 73 0.81 14.19 20.63
CA ALA A 73 1.79 15.23 20.75
C ALA A 73 3.19 14.78 20.33
N GLN A 74 3.34 13.58 19.79
CA GLN A 74 4.67 13.20 19.33
C GLN A 74 4.60 13.10 17.84
N VAL A 75 5.74 13.31 17.17
CA VAL A 75 5.86 13.33 15.71
C VAL A 75 5.47 12.03 15.09
N ALA A 76 4.72 12.07 14.02
CA ALA A 76 4.32 10.81 13.37
C ALA A 76 5.47 10.35 12.44
N ASP A 77 5.32 9.19 11.81
CA ASP A 77 6.39 8.67 10.98
C ASP A 77 5.87 7.62 10.02
N GLY A 78 6.69 7.29 9.01
CA GLY A 78 6.31 6.29 8.04
C GLY A 78 7.27 6.28 6.86
N GLY A 79 6.85 5.68 5.74
CA GLY A 79 7.75 5.61 4.58
C GLY A 79 8.13 6.99 4.03
N GLY A 80 9.43 7.27 3.89
CA GLY A 80 9.84 8.55 3.38
C GLY A 80 11.07 8.40 2.46
N ILE A 81 11.34 9.44 1.68
CA ILE A 81 12.49 9.45 0.81
C ILE A 81 12.93 10.92 0.86
N GLY A 82 14.23 11.13 1.15
CA GLY A 82 14.82 12.46 1.18
C GLY A 82 16.24 12.47 0.60
N VAL A 83 16.95 13.56 0.87
CA VAL A 83 18.32 13.71 0.38
C VAL A 83 19.28 14.18 1.46
N VAL A 84 20.44 13.53 1.56
CA VAL A 84 21.38 13.90 2.59
C VAL A 84 21.93 15.27 2.36
N GLU A 85 22.11 16.03 3.44
CA GLU A 85 22.69 17.36 3.36
C GLU A 85 24.06 17.42 4.07
N GLU A 86 24.16 16.80 5.25
CA GLU A 86 25.40 16.75 6.02
C GLU A 86 25.42 15.30 6.52
N SER A 87 26.61 14.74 6.74
CA SER A 87 26.71 13.35 7.11
C SER A 87 27.96 12.95 7.89
N LYS A 88 27.79 12.40 9.09
CA LYS A 88 28.96 11.95 9.84
C LYS A 88 28.93 10.47 9.86
N HIS A 89 28.44 9.89 8.78
CA HIS A 89 28.38 8.43 8.68
C HIS A 89 29.04 8.14 7.35
N GLN A 90 29.91 7.16 7.37
CA GLN A 90 30.67 6.80 6.20
C GLN A 90 29.90 6.37 4.95
N LYS A 91 28.95 5.45 5.07
CA LYS A 91 28.24 5.00 3.86
C LYS A 91 27.37 6.02 3.14
N LEU A 92 27.27 7.23 3.69
CA LEU A 92 26.42 8.25 3.05
C LEU A 92 27.03 9.64 2.95
N THR A 93 26.81 10.29 1.81
CA THR A 93 27.31 11.64 1.58
C THR A 93 26.31 12.59 0.92
N LYS A 94 26.53 13.90 1.01
CA LYS A 94 25.65 14.90 0.44
C LYS A 94 25.14 14.58 -0.95
N GLY A 95 23.82 14.77 -1.13
CA GLY A 95 23.17 14.44 -2.40
C GLY A 95 22.70 13.00 -2.54
N ASP A 96 23.05 12.18 -1.56
CA ASP A 96 22.66 10.76 -1.58
C ASP A 96 21.14 10.69 -1.32
N PHE A 97 20.43 9.81 -2.03
CA PHE A 97 18.99 9.68 -1.84
C PHE A 97 18.75 8.46 -0.91
N VAL A 98 18.06 8.67 0.20
CA VAL A 98 17.85 7.58 1.15
C VAL A 98 16.40 7.41 1.53
N THR A 99 16.05 6.24 2.03
CA THR A 99 14.66 6.01 2.37
C THR A 99 14.64 5.27 3.73
N SER A 100 13.44 5.24 4.33
CA SER A 100 13.13 4.59 5.62
C SER A 100 11.64 4.42 5.74
N PHE A 101 11.25 3.43 6.54
CA PHE A 101 9.83 3.15 6.79
C PHE A 101 9.50 3.80 8.12
N TYR A 102 10.52 4.40 8.75
CA TYR A 102 10.38 5.10 10.04
C TYR A 102 10.79 6.59 9.93
N TRP A 103 10.58 7.16 8.76
CA TRP A 103 10.88 8.55 8.48
C TRP A 103 9.95 9.46 9.23
N PRO A 104 10.48 10.38 10.04
CA PRO A 104 9.53 11.24 10.75
C PRO A 104 8.92 12.30 9.80
N TRP A 105 7.72 12.75 10.16
CA TRP A 105 7.00 13.68 9.34
C TRP A 105 7.52 15.07 9.69
N GLN A 106 8.66 15.36 9.09
CA GLN A 106 9.37 16.59 9.31
C GLN A 106 9.97 17.08 7.99
N THR A 107 10.17 18.38 7.88
CA THR A 107 10.77 19.02 6.69
C THR A 107 12.21 18.47 6.52
N LYS A 108 12.91 18.44 7.63
CA LYS A 108 14.27 17.96 7.70
C LYS A 108 14.36 17.16 8.99
N ALA A 109 15.42 16.38 9.05
CA ALA A 109 15.68 15.54 10.20
C ALA A 109 17.16 15.19 10.31
N ILE A 110 17.49 14.70 11.49
CA ILE A 110 18.82 14.19 11.80
C ILE A 110 18.47 12.76 12.18
N LEU A 111 18.80 11.83 11.31
CA LEU A 111 18.55 10.41 11.48
C LEU A 111 19.90 9.64 11.60
N ASP A 112 19.79 8.38 12.01
CA ASP A 112 20.88 7.48 12.17
C ASP A 112 21.18 6.80 10.85
N GLY A 113 22.41 7.02 10.38
CA GLY A 113 22.88 6.48 9.13
C GLY A 113 22.59 5.02 8.94
N ASN A 114 22.67 4.24 10.01
CA ASN A 114 22.39 2.79 9.90
C ASN A 114 20.92 2.51 9.68
N GLY A 115 20.07 3.49 9.98
CA GLY A 115 18.65 3.27 9.76
C GLY A 115 18.15 3.66 8.37
N LEU A 116 19.04 4.19 7.53
CA LEU A 116 18.66 4.64 6.17
C LEU A 116 19.25 3.80 5.08
N GLU A 117 18.53 3.66 3.99
CA GLU A 117 19.06 2.91 2.86
C GLU A 117 19.14 3.84 1.64
N LYS A 118 20.28 3.87 0.99
CA LYS A 118 20.48 4.69 -0.19
C LYS A 118 19.77 4.04 -1.35
N VAL A 119 19.04 4.82 -2.14
CA VAL A 119 18.36 4.26 -3.33
C VAL A 119 19.03 4.82 -4.63
N ASP A 120 18.95 4.08 -5.73
CA ASP A 120 19.54 4.55 -6.97
C ASP A 120 18.50 5.14 -7.88
N PRO A 121 18.59 6.45 -8.19
CA PRO A 121 17.58 7.07 -9.08
C PRO A 121 17.29 6.28 -10.38
N GLN A 122 18.31 5.58 -10.93
CA GLN A 122 18.13 4.82 -12.19
C GLN A 122 16.99 3.80 -12.21
N LEU A 123 16.78 3.08 -11.11
CA LEU A 123 15.70 2.11 -11.08
C LEU A 123 14.33 2.69 -11.32
N VAL A 124 14.13 3.98 -11.03
CA VAL A 124 12.81 4.63 -11.17
C VAL A 124 12.74 5.76 -12.25
N ASP A 125 13.69 5.78 -13.17
CA ASP A 125 13.73 6.80 -14.20
C ASP A 125 13.76 8.22 -13.61
N GLY A 126 14.31 8.36 -12.41
CA GLY A 126 14.35 9.65 -11.76
C GLY A 126 13.18 9.99 -10.85
N HIS A 127 12.05 9.31 -10.98
CA HIS A 127 10.90 9.62 -10.13
C HIS A 127 11.08 8.98 -8.76
N LEU A 128 11.80 9.65 -7.86
CA LEU A 128 12.06 9.13 -6.53
C LEU A 128 10.84 8.71 -5.67
N SER A 129 9.68 9.33 -5.93
CA SER A 129 8.52 8.99 -5.15
C SER A 129 8.12 7.52 -5.42
N TYR A 130 8.57 6.97 -6.53
CA TYR A 130 8.22 5.56 -6.84
C TYR A 130 8.81 4.58 -5.82
N PHE A 131 9.87 4.99 -5.11
CA PHE A 131 10.48 4.13 -4.13
C PHE A 131 9.55 4.00 -2.92
N LEU A 132 8.43 4.73 -2.90
CA LEU A 132 7.47 4.64 -1.78
C LEU A 132 6.25 3.91 -2.26
N GLY A 133 6.34 3.46 -3.52
CA GLY A 133 5.22 2.77 -4.15
C GLY A 133 5.52 1.53 -4.98
N ALA A 134 5.35 1.63 -6.30
CA ALA A 134 5.59 0.52 -7.22
C ALA A 134 6.97 -0.04 -7.10
N ILE A 135 7.94 0.83 -6.87
CA ILE A 135 9.28 0.29 -6.74
C ILE A 135 9.69 0.26 -5.29
N GLY A 136 8.71 -0.03 -4.43
CA GLY A 136 8.93 -0.08 -3.00
C GLY A 136 7.98 -1.00 -2.28
N MET A 137 7.76 -0.77 -0.98
CA MET A 137 6.91 -1.63 -0.16
C MET A 137 5.60 -2.07 -0.85
N PRO A 138 4.79 -1.12 -1.35
CA PRO A 138 3.54 -1.55 -2.01
C PRO A 138 3.72 -2.50 -3.20
N GLY A 139 4.70 -2.20 -4.04
CA GLY A 139 4.91 -3.09 -5.21
C GLY A 139 5.41 -4.49 -4.84
N LEU A 140 6.22 -4.54 -3.79
CA LEU A 140 6.77 -5.80 -3.30
C LEU A 140 5.62 -6.62 -2.73
N THR A 141 4.71 -5.95 -2.01
CA THR A 141 3.53 -6.59 -1.41
C THR A 141 2.69 -7.26 -2.50
N SER A 142 2.49 -6.58 -3.65
CA SER A 142 1.72 -7.12 -4.76
C SER A 142 2.49 -8.21 -5.48
N LEU A 143 3.77 -8.00 -5.72
CA LEU A 143 4.54 -9.00 -6.45
C LEU A 143 4.74 -10.24 -5.57
N ILE A 144 5.35 -10.06 -4.39
CA ILE A 144 5.58 -11.18 -3.50
C ILE A 144 4.24 -11.83 -3.10
N GLY A 145 3.22 -11.02 -2.89
CA GLY A 145 1.92 -11.59 -2.52
C GLY A 145 1.40 -12.57 -3.59
N VAL A 146 1.54 -12.16 -4.84
CA VAL A 146 1.12 -13.00 -5.94
C VAL A 146 2.07 -14.19 -6.11
N GLN A 147 3.38 -13.94 -6.16
CA GLN A 147 4.34 -15.03 -6.33
C GLN A 147 4.32 -16.12 -5.25
N GLU A 148 4.00 -15.72 -4.02
CA GLU A 148 3.97 -16.63 -2.89
C GLU A 148 2.63 -17.24 -2.52
N LYS A 149 1.55 -16.50 -2.70
CA LYS A 149 0.26 -17.01 -2.32
C LYS A 149 -0.67 -17.19 -3.51
N GLY A 150 -0.21 -16.74 -4.69
CA GLY A 150 -1.03 -16.77 -5.91
C GLY A 150 -1.22 -18.09 -6.64
N HIS A 151 -0.21 -18.96 -6.62
CA HIS A 151 -0.31 -20.24 -7.29
C HIS A 151 -0.82 -19.98 -8.70
N ILE A 152 -0.13 -19.08 -9.38
CA ILE A 152 -0.48 -18.73 -10.75
C ILE A 152 0.40 -19.61 -11.61
N SER A 153 -0.19 -20.20 -12.64
CA SER A 153 0.53 -21.07 -13.57
C SER A 153 0.30 -20.56 -14.97
N ALA A 154 1.40 -20.12 -15.59
CA ALA A 154 1.36 -19.58 -16.95
C ALA A 154 0.49 -20.47 -17.85
N GLY A 155 -0.30 -19.83 -18.73
CA GLY A 155 -1.13 -20.62 -19.63
C GLY A 155 -2.28 -21.39 -19.00
N SER A 156 -2.22 -21.64 -17.70
CA SER A 156 -3.28 -22.38 -17.02
C SER A 156 -4.68 -21.74 -17.20
N ASN A 157 -4.72 -20.54 -17.75
CA ASN A 157 -5.95 -19.79 -18.00
C ASN A 157 -6.86 -19.43 -16.84
N GLN A 158 -6.26 -18.91 -15.77
CA GLN A 158 -7.00 -18.53 -14.57
C GLN A 158 -7.62 -17.12 -14.62
N THR A 159 -8.59 -16.89 -13.74
CA THR A 159 -9.22 -15.59 -13.66
C THR A 159 -8.87 -15.03 -12.28
N MET A 160 -8.36 -13.79 -12.27
CA MET A 160 -7.96 -13.07 -11.05
C MET A 160 -8.90 -11.91 -10.70
N VAL A 161 -9.43 -11.93 -9.48
CA VAL A 161 -10.25 -10.83 -9.03
C VAL A 161 -9.37 -10.04 -8.06
N VAL A 162 -9.26 -8.74 -8.29
CA VAL A 162 -8.47 -7.86 -7.43
C VAL A 162 -9.35 -6.81 -6.78
N SER A 163 -9.44 -6.71 -5.46
CA SER A 163 -10.27 -5.66 -4.87
C SER A 163 -9.33 -4.46 -4.62
N GLY A 164 -9.88 -3.29 -4.29
CA GLY A 164 -9.05 -2.10 -4.12
C GLY A 164 -8.12 -1.99 -5.31
N ALA A 165 -8.66 -2.39 -6.46
CA ALA A 165 -7.96 -2.44 -7.76
C ALA A 165 -7.38 -1.12 -8.29
N ALA A 166 -7.97 0.02 -7.93
CA ALA A 166 -7.42 1.33 -8.37
C ALA A 166 -6.54 1.92 -7.29
N GLY A 167 -6.13 1.14 -6.29
CA GLY A 167 -5.27 1.71 -5.27
C GLY A 167 -3.84 1.36 -5.66
N ALA A 168 -2.86 1.64 -4.83
CA ALA A 168 -1.50 1.27 -5.16
C ALA A 168 -1.30 -0.25 -5.26
N CYS A 169 -1.53 -1.02 -4.19
CA CYS A 169 -1.26 -2.46 -4.32
C CYS A 169 -2.12 -3.14 -5.36
N GLY A 170 -3.37 -2.74 -5.45
CA GLY A 170 -4.30 -3.35 -6.41
C GLY A 170 -3.97 -3.12 -7.87
N SER A 171 -3.71 -1.86 -8.21
CA SER A 171 -3.36 -1.57 -9.59
C SER A 171 -2.13 -2.35 -10.00
N LEU A 172 -1.17 -2.50 -9.10
CA LEU A 172 0.06 -3.23 -9.45
C LEU A 172 -0.14 -4.74 -9.56
N ALA A 173 -0.89 -5.31 -8.64
CA ALA A 173 -1.16 -6.76 -8.61
C ALA A 173 -1.91 -7.23 -9.87
N GLY A 174 -2.97 -6.49 -10.22
CA GLY A 174 -3.76 -6.82 -11.39
C GLY A 174 -2.80 -6.90 -12.56
N GLN A 175 -1.92 -5.93 -12.70
CA GLN A 175 -0.96 -5.92 -13.79
C GLN A 175 0.05 -7.03 -13.66
N ILE A 176 0.52 -7.27 -12.43
CA ILE A 176 1.47 -8.34 -12.19
C ILE A 176 0.74 -9.65 -12.48
N GLY A 177 -0.56 -9.64 -12.18
CA GLY A 177 -1.39 -10.80 -12.44
C GLY A 177 -1.22 -11.21 -13.88
N HIS A 178 -1.44 -10.28 -14.81
CA HIS A 178 -1.29 -10.58 -16.24
C HIS A 178 0.12 -11.02 -16.60
N LEU A 179 1.11 -10.26 -16.17
CA LEU A 179 2.50 -10.60 -16.53
C LEU A 179 2.96 -11.97 -16.08
N LEU A 180 2.36 -12.49 -14.99
CA LEU A 180 2.72 -13.79 -14.40
C LEU A 180 1.93 -14.99 -14.96
N GLY A 181 1.07 -14.75 -15.95
CA GLY A 181 0.36 -15.85 -16.56
C GLY A 181 -1.14 -15.88 -16.57
N CYS A 182 -1.81 -15.15 -15.68
CA CYS A 182 -3.27 -15.20 -15.67
C CYS A 182 -3.73 -14.65 -16.99
N SER A 183 -4.83 -15.16 -17.51
CA SER A 183 -5.28 -14.64 -18.78
C SER A 183 -6.44 -13.65 -18.54
N ARG A 184 -7.06 -13.73 -17.40
CA ARG A 184 -8.14 -12.80 -17.18
C ARG A 184 -7.96 -12.14 -15.80
N VAL A 185 -8.06 -10.81 -15.78
CA VAL A 185 -7.93 -10.02 -14.55
C VAL A 185 -9.10 -9.02 -14.44
N VAL A 186 -9.83 -9.08 -13.35
CA VAL A 186 -10.96 -8.20 -13.17
C VAL A 186 -10.68 -7.46 -11.83
N GLY A 187 -10.91 -6.15 -11.84
CA GLY A 187 -10.69 -5.32 -10.66
C GLY A 187 -12.01 -4.83 -10.12
N ILE A 188 -12.09 -4.56 -8.81
CA ILE A 188 -13.36 -4.07 -8.21
C ILE A 188 -12.98 -2.74 -7.56
N CYS A 189 -13.67 -1.66 -7.86
CA CYS A 189 -13.30 -0.40 -7.23
C CYS A 189 -14.53 0.44 -6.90
N GLY A 190 -14.34 1.52 -6.16
CA GLY A 190 -15.50 2.28 -5.76
C GLY A 190 -16.14 3.27 -6.72
N THR A 191 -15.66 3.45 -7.97
CA THR A 191 -16.27 4.48 -8.85
C THR A 191 -15.95 4.29 -10.34
N GLN A 192 -16.84 4.78 -11.22
CA GLN A 192 -16.67 4.60 -12.67
C GLN A 192 -15.40 5.12 -13.20
N GLU A 193 -15.04 6.34 -12.83
CA GLU A 193 -13.77 6.80 -13.35
C GLU A 193 -12.64 5.84 -12.96
N LYS A 194 -12.75 5.20 -11.79
CA LYS A 194 -11.66 4.29 -11.37
C LYS A 194 -11.71 3.07 -12.27
N CYS A 195 -12.93 2.57 -12.46
CA CYS A 195 -13.12 1.42 -13.38
C CYS A 195 -12.51 1.67 -14.76
N LEU A 196 -12.75 2.86 -15.35
CA LEU A 196 -12.24 3.20 -16.69
C LEU A 196 -10.72 3.23 -16.70
N PHE A 197 -10.14 3.71 -15.60
CA PHE A 197 -8.68 3.75 -15.44
C PHE A 197 -8.14 2.30 -15.54
N LEU A 198 -8.78 1.36 -14.84
CA LEU A 198 -8.34 -0.06 -14.84
C LEU A 198 -8.35 -0.67 -16.27
N THR A 199 -9.45 -0.49 -16.96
CA THR A 199 -9.51 -1.07 -18.29
C THR A 199 -8.86 -0.28 -19.45
N SER A 200 -8.90 1.06 -19.42
CA SER A 200 -8.27 1.81 -20.50
C SER A 200 -6.77 2.08 -20.36
N GLU A 201 -6.26 2.14 -19.13
CA GLU A 201 -4.83 2.43 -18.92
C GLU A 201 -3.98 1.27 -18.36
N LEU A 202 -4.59 0.42 -17.56
CA LEU A 202 -3.84 -0.67 -16.97
C LEU A 202 -3.98 -1.98 -17.75
N GLY A 203 -5.11 -2.17 -18.42
CA GLY A 203 -5.23 -3.41 -19.17
C GLY A 203 -5.97 -4.51 -18.46
N PHE A 204 -6.74 -4.18 -17.42
CA PHE A 204 -7.55 -5.18 -16.73
C PHE A 204 -8.58 -5.52 -17.81
N ASP A 205 -9.13 -6.74 -17.79
CA ASP A 205 -10.10 -7.18 -18.80
C ASP A 205 -11.49 -6.69 -18.36
N ALA A 206 -11.67 -6.45 -17.07
CA ALA A 206 -12.96 -5.94 -16.64
C ALA A 206 -12.83 -5.19 -15.33
N ALA A 207 -13.84 -4.41 -14.98
CA ALA A 207 -13.86 -3.64 -13.73
C ALA A 207 -15.27 -3.75 -13.13
N VAL A 208 -15.39 -3.74 -11.82
CA VAL A 208 -16.70 -3.86 -11.21
C VAL A 208 -16.80 -2.69 -10.29
N ASN A 209 -17.83 -1.88 -10.44
CA ASN A 209 -17.96 -0.71 -9.64
C ASN A 209 -18.83 -1.17 -8.52
N TYR A 210 -18.33 -1.19 -7.29
CA TYR A 210 -19.17 -1.68 -6.20
C TYR A 210 -20.11 -0.65 -5.66
N LYS A 211 -20.02 0.59 -6.12
CA LYS A 211 -20.96 1.59 -5.62
C LYS A 211 -22.29 1.34 -6.27
N THR A 212 -22.31 0.72 -7.45
CA THR A 212 -23.59 0.45 -8.12
C THR A 212 -24.49 -0.46 -7.30
N GLY A 213 -23.92 -1.29 -6.43
CA GLY A 213 -24.74 -2.14 -5.58
C GLY A 213 -25.07 -3.58 -5.97
N ASN A 214 -24.50 -4.11 -7.03
CA ASN A 214 -24.80 -5.52 -7.35
C ASN A 214 -23.52 -6.20 -7.72
N VAL A 215 -22.61 -6.28 -6.75
CA VAL A 215 -21.28 -6.88 -6.97
C VAL A 215 -21.44 -8.33 -7.38
N ALA A 216 -22.36 -9.00 -6.68
CA ALA A 216 -22.68 -10.41 -6.95
C ALA A 216 -22.89 -10.59 -8.44
N GLU A 217 -23.92 -9.94 -8.97
CA GLU A 217 -24.27 -10.01 -10.40
C GLU A 217 -23.20 -9.50 -11.37
N GLN A 218 -22.61 -8.35 -11.07
CA GLN A 218 -21.60 -7.85 -12.00
C GLN A 218 -20.52 -8.89 -12.10
N LEU A 219 -20.18 -9.44 -10.94
CA LEU A 219 -19.11 -10.41 -10.90
C LEU A 219 -19.46 -11.64 -11.78
N ARG A 220 -20.68 -12.14 -11.57
CA ARG A 220 -21.12 -13.30 -12.37
C ARG A 220 -20.77 -13.03 -13.82
N GLU A 221 -21.35 -11.96 -14.36
CA GLU A 221 -21.13 -11.54 -15.74
C GLU A 221 -19.69 -11.29 -16.15
N ALA A 222 -18.90 -10.67 -15.27
CA ALA A 222 -17.51 -10.37 -15.60
C ALA A 222 -16.62 -11.59 -15.43
N CYS A 223 -17.11 -12.52 -14.61
CA CYS A 223 -16.34 -13.74 -14.30
C CYS A 223 -16.96 -15.12 -14.64
N PRO A 224 -17.96 -15.18 -15.53
CA PRO A 224 -18.53 -16.51 -15.85
C PRO A 224 -17.38 -17.51 -16.05
N GLY A 225 -17.16 -18.38 -15.07
CA GLY A 225 -16.07 -19.34 -15.13
C GLY A 225 -15.36 -19.43 -13.76
N GLY A 226 -15.87 -18.65 -12.83
CA GLY A 226 -15.36 -18.61 -11.48
C GLY A 226 -14.07 -17.83 -11.29
N VAL A 227 -13.72 -17.65 -10.02
CA VAL A 227 -12.51 -16.94 -9.67
C VAL A 227 -11.47 -17.92 -9.15
N ASP A 228 -10.28 -17.88 -9.71
CA ASP A 228 -9.25 -18.77 -9.21
C ASP A 228 -8.26 -18.04 -8.28
N VAL A 229 -8.21 -16.72 -8.40
CA VAL A 229 -7.28 -15.97 -7.60
C VAL A 229 -7.86 -14.67 -7.13
N TYR A 230 -7.76 -14.41 -5.86
CA TYR A 230 -8.35 -13.19 -5.36
C TYR A 230 -7.37 -12.38 -4.55
N PHE A 231 -6.81 -11.32 -5.15
CA PHE A 231 -5.88 -10.43 -4.44
C PHE A 231 -6.83 -9.52 -3.69
N ASP A 232 -6.89 -9.71 -2.38
CA ASP A 232 -7.83 -9.00 -1.52
C ASP A 232 -7.20 -7.90 -0.65
N ASN A 233 -7.68 -6.67 -0.88
CA ASN A 233 -7.21 -5.46 -0.18
C ASN A 233 -8.34 -4.91 0.68
N VAL A 234 -9.54 -5.47 0.52
CA VAL A 234 -10.66 -4.87 1.26
C VAL A 234 -11.47 -5.65 2.24
N GLY A 235 -11.57 -6.94 2.07
CA GLY A 235 -12.37 -7.73 3.00
C GLY A 235 -13.83 -7.32 2.92
N GLY A 236 -14.59 -7.67 3.95
CA GLY A 236 -15.97 -7.33 4.05
C GLY A 236 -16.90 -7.98 3.04
N ASP A 237 -18.08 -7.38 2.88
CA ASP A 237 -19.10 -7.84 1.92
C ASP A 237 -18.50 -8.02 0.51
N ILE A 238 -17.67 -7.08 0.12
CA ILE A 238 -17.10 -7.22 -1.19
C ILE A 238 -16.42 -8.58 -1.27
N SER A 239 -15.63 -8.89 -0.27
CA SER A 239 -14.94 -10.17 -0.27
C SER A 239 -15.90 -11.38 -0.09
N ASN A 240 -16.89 -11.28 0.75
CA ASN A 240 -17.76 -12.43 0.91
C ASN A 240 -18.32 -12.76 -0.49
N ALA A 241 -18.49 -11.74 -1.34
CA ALA A 241 -18.98 -11.95 -2.70
C ALA A 241 -17.97 -12.56 -3.67
N VAL A 242 -16.73 -12.11 -3.70
CA VAL A 242 -15.76 -12.73 -4.62
C VAL A 242 -15.56 -14.20 -4.23
N ILE A 243 -15.53 -14.44 -2.93
CA ILE A 243 -15.28 -15.79 -2.41
C ILE A 243 -16.38 -16.77 -2.82
N SER A 244 -17.66 -16.38 -2.59
CA SER A 244 -18.80 -17.19 -2.95
C SER A 244 -18.65 -17.67 -4.39
N GLN A 245 -18.03 -16.85 -5.23
CA GLN A 245 -17.85 -17.24 -6.62
C GLN A 245 -16.48 -17.73 -6.97
N MET A 246 -15.73 -18.20 -6.00
CA MET A 246 -14.41 -18.72 -6.35
C MET A 246 -14.53 -20.22 -6.66
N ASN A 247 -13.56 -20.76 -7.39
CA ASN A 247 -13.62 -22.17 -7.74
C ASN A 247 -12.81 -22.99 -6.72
N GLU A 248 -12.76 -24.31 -6.95
CA GLU A 248 -12.05 -25.23 -6.07
C GLU A 248 -10.56 -25.14 -6.20
N ASN A 249 -9.90 -25.24 -5.04
CA ASN A 249 -8.45 -25.16 -4.98
C ASN A 249 -7.92 -23.85 -5.49
N SER A 250 -8.68 -22.79 -5.26
CA SER A 250 -8.26 -21.45 -5.65
C SER A 250 -7.58 -20.80 -4.44
N HIS A 251 -7.04 -19.59 -4.63
CA HIS A 251 -6.31 -18.91 -3.59
C HIS A 251 -6.62 -17.44 -3.41
N ILE A 252 -6.68 -17.04 -2.16
CA ILE A 252 -6.93 -15.68 -1.76
C ILE A 252 -5.60 -15.10 -1.25
N ILE A 253 -5.07 -14.05 -1.85
CA ILE A 253 -3.86 -13.47 -1.32
C ILE A 253 -4.47 -12.51 -0.34
N LEU A 254 -4.21 -12.72 0.94
CA LEU A 254 -4.87 -11.86 1.91
C LEU A 254 -4.00 -10.64 2.21
N CYS A 255 -3.98 -9.72 1.26
CA CYS A 255 -3.17 -8.52 1.41
C CYS A 255 -3.67 -7.55 2.49
N GLY A 256 -4.93 -7.15 2.45
CA GLY A 256 -5.45 -6.29 3.50
C GLY A 256 -6.96 -6.40 3.61
N GLN A 257 -7.58 -5.60 4.47
CA GLN A 257 -9.03 -5.61 4.67
C GLN A 257 -9.44 -4.16 5.06
N ILE A 258 -9.20 -3.23 4.17
CA ILE A 258 -9.47 -1.82 4.47
C ILE A 258 -10.88 -1.49 4.90
N SER A 259 -11.83 -2.32 4.50
CA SER A 259 -13.23 -2.00 4.90
C SER A 259 -13.47 -2.07 6.42
N GLN A 260 -12.54 -2.68 7.15
CA GLN A 260 -12.72 -2.84 8.58
C GLN A 260 -11.88 -1.91 9.43
N TYR A 261 -10.85 -1.32 8.81
CA TYR A 261 -9.92 -0.53 9.59
C TYR A 261 -10.46 0.46 10.58
N SER A 262 -11.66 1.01 10.34
CA SER A 262 -12.19 1.98 11.28
C SER A 262 -13.29 1.37 12.12
N ASN A 263 -13.32 0.04 12.20
CA ASN A 263 -14.29 -0.67 13.06
C ASN A 263 -13.49 -1.46 14.12
N ASP A 264 -14.12 -1.65 15.26
CA ASP A 264 -13.56 -2.43 16.37
C ASP A 264 -13.46 -3.88 15.88
N VAL A 265 -12.42 -4.19 15.11
CA VAL A 265 -12.29 -5.52 14.48
C VAL A 265 -10.87 -6.09 14.33
N PRO A 266 -10.63 -7.29 14.87
CA PRO A 266 -9.33 -7.98 14.82
C PRO A 266 -8.85 -8.22 13.38
N TYR A 267 -7.81 -7.51 12.95
CA TYR A 267 -7.31 -7.66 11.55
C TYR A 267 -7.41 -9.04 10.96
N PRO A 268 -7.20 -10.07 11.77
CA PRO A 268 -7.40 -11.20 10.88
C PRO A 268 -8.86 -11.60 11.09
N PRO A 269 -9.85 -10.77 10.65
CA PRO A 269 -11.20 -11.26 10.91
C PRO A 269 -11.51 -12.54 10.17
N PRO A 270 -12.45 -13.31 10.74
CA PRO A 270 -12.86 -14.57 10.14
C PRO A 270 -14.07 -14.34 9.25
N LEU A 271 -14.09 -15.07 8.13
CA LEU A 271 -15.20 -15.06 7.18
C LEU A 271 -16.52 -15.43 7.87
N PRO A 272 -17.66 -14.95 7.34
CA PRO A 272 -18.94 -15.32 7.98
C PRO A 272 -19.10 -16.84 7.84
N PRO A 273 -19.85 -17.46 8.77
CA PRO A 273 -20.11 -18.91 8.82
C PRO A 273 -20.40 -19.49 7.43
N ALA A 274 -21.43 -18.95 6.79
CA ALA A 274 -21.78 -19.46 5.46
C ALA A 274 -20.61 -19.32 4.49
N VAL A 275 -19.95 -18.15 4.48
CA VAL A 275 -18.82 -17.93 3.56
C VAL A 275 -17.66 -18.83 3.90
N GLU A 276 -17.45 -19.00 5.21
CA GLU A 276 -16.39 -19.89 5.72
C GLU A 276 -16.68 -21.31 5.21
N ALA A 277 -17.96 -21.69 5.24
CA ALA A 277 -18.33 -23.04 4.78
C ALA A 277 -17.92 -23.28 3.33
N ILE A 278 -18.17 -22.27 2.49
CA ILE A 278 -17.83 -22.41 1.11
C ILE A 278 -16.32 -22.46 0.92
N ARG A 279 -15.58 -21.67 1.70
CA ARG A 279 -14.11 -21.66 1.54
C ARG A 279 -13.59 -23.07 1.81
N LYS A 280 -14.11 -23.65 2.88
CA LYS A 280 -13.75 -24.99 3.30
C LYS A 280 -14.02 -26.05 2.20
N GLU A 281 -15.24 -26.05 1.64
CA GLU A 281 -15.62 -27.02 0.60
C GLU A 281 -14.81 -27.05 -0.68
N ARG A 282 -14.49 -25.86 -1.22
CA ARG A 282 -13.75 -25.81 -2.48
C ARG A 282 -12.25 -25.83 -2.24
N ASN A 283 -11.87 -25.89 -0.97
CA ASN A 283 -10.47 -25.92 -0.59
C ASN A 283 -9.69 -24.64 -1.03
N ILE A 284 -10.21 -23.49 -0.62
CA ILE A 284 -9.64 -22.19 -0.97
C ILE A 284 -8.62 -21.75 0.07
N THR A 285 -7.38 -21.63 -0.34
CA THR A 285 -6.33 -21.24 0.60
C THR A 285 -6.44 -19.72 0.94
N ARG A 286 -6.66 -19.37 2.23
CA ARG A 286 -6.71 -17.97 2.69
C ARG A 286 -5.75 -17.82 3.90
N GLU A 287 -4.48 -17.61 3.60
CA GLU A 287 -3.42 -17.47 4.62
C GLU A 287 -2.95 -16.04 4.87
N ARG A 288 -2.64 -15.72 6.13
CA ARG A 288 -2.18 -14.37 6.45
C ARG A 288 -0.97 -14.03 5.61
N PHE A 289 -0.87 -12.79 5.17
CA PHE A 289 0.27 -12.37 4.35
C PHE A 289 0.81 -11.03 4.84
N THR A 290 2.06 -11.02 5.25
CA THR A 290 2.64 -9.77 5.72
C THR A 290 3.96 -9.72 4.99
N VAL A 291 4.11 -8.73 4.11
CA VAL A 291 5.29 -8.62 3.28
C VAL A 291 6.64 -8.55 4.04
N LEU A 292 6.64 -8.00 5.27
CA LEU A 292 7.86 -7.90 6.09
C LEU A 292 8.41 -9.29 6.46
N ASN A 293 7.65 -10.33 6.13
CA ASN A 293 8.04 -11.71 6.39
C ASN A 293 8.83 -12.32 5.27
N TYR A 294 8.91 -11.61 4.16
CA TYR A 294 9.65 -12.11 3.00
C TYR A 294 10.86 -11.22 2.64
N LYS A 295 11.57 -10.73 3.63
CA LYS A 295 12.70 -9.86 3.36
C LYS A 295 13.77 -10.33 2.33
N ASP A 296 14.11 -11.61 2.31
CA ASP A 296 15.12 -12.05 1.34
C ASP A 296 14.62 -12.06 -0.11
N LYS A 297 13.35 -11.71 -0.30
CA LYS A 297 12.78 -11.64 -1.63
C LYS A 297 12.65 -10.19 -2.13
N PHE A 298 13.11 -9.24 -1.32
CA PHE A 298 13.03 -7.83 -1.70
C PHE A 298 13.97 -7.43 -2.84
N GLU A 299 15.26 -7.72 -2.79
CA GLU A 299 16.12 -7.28 -3.92
C GLU A 299 15.69 -7.85 -5.26
N PRO A 300 15.43 -9.15 -5.32
CA PRO A 300 15.01 -9.71 -6.60
C PRO A 300 13.63 -9.15 -7.01
N GLY A 301 12.80 -8.87 -6.01
CA GLY A 301 11.46 -8.34 -6.31
C GLY A 301 11.68 -6.95 -6.88
N ILE A 302 12.60 -6.21 -6.28
CA ILE A 302 12.92 -4.84 -6.73
C ILE A 302 13.46 -4.84 -8.15
N LEU A 303 14.44 -5.72 -8.41
CA LEU A 303 14.99 -5.84 -9.75
C LEU A 303 13.91 -6.28 -10.76
N GLN A 304 13.03 -7.19 -10.38
CA GLN A 304 11.97 -7.59 -11.29
C GLN A 304 10.97 -6.44 -11.56
N LEU A 305 10.55 -5.71 -10.52
CA LEU A 305 9.56 -4.62 -10.68
C LEU A 305 10.15 -3.46 -11.51
N SER A 306 11.40 -3.13 -11.21
CA SER A 306 12.13 -2.07 -11.90
C SER A 306 12.19 -2.46 -13.39
N GLN A 307 12.71 -3.64 -13.68
CA GLN A 307 12.77 -4.15 -15.04
C GLN A 307 11.47 -3.89 -15.80
N TRP A 308 10.35 -4.36 -15.26
CA TRP A 308 9.07 -4.17 -15.91
C TRP A 308 8.70 -2.73 -16.09
N PHE A 309 8.94 -1.91 -15.06
CA PHE A 309 8.61 -0.50 -15.15
C PHE A 309 9.46 0.13 -16.27
N LYS A 310 10.72 -0.17 -16.25
CA LYS A 310 11.62 0.34 -17.25
C LYS A 310 11.29 -0.02 -18.67
N GLU A 311 10.50 -1.09 -18.86
CA GLU A 311 10.11 -1.54 -20.19
C GLU A 311 8.71 -1.06 -20.46
N GLY A 312 8.16 -0.33 -19.50
CA GLY A 312 6.81 0.16 -19.66
C GLY A 312 5.81 -0.97 -19.59
N LYS A 313 6.19 -2.07 -18.96
CA LYS A 313 5.27 -3.19 -18.88
C LYS A 313 4.47 -3.02 -17.62
N LEU A 314 4.99 -2.21 -16.72
CA LEU A 314 4.31 -1.94 -15.45
C LEU A 314 4.00 -0.45 -15.31
N LYS A 315 2.71 -0.13 -15.35
CA LYS A 315 2.25 1.24 -15.25
C LYS A 315 2.18 1.74 -13.79
N VAL A 316 2.86 2.83 -13.50
CA VAL A 316 2.86 3.39 -12.15
C VAL A 316 1.96 4.67 -12.06
N LYS A 317 0.88 4.62 -11.28
CA LYS A 317 -0.04 5.76 -11.15
C LYS A 317 0.04 6.25 -9.70
N GLU A 318 -0.02 7.56 -9.52
CA GLU A 318 0.05 8.16 -8.19
C GLU A 318 -0.91 9.34 -8.07
N THR A 319 -1.27 9.67 -6.84
CA THR A 319 -2.08 10.83 -6.54
C THR A 319 -1.22 11.61 -5.54
N MET A 320 -0.92 12.84 -5.92
CA MET A 320 -0.03 13.65 -5.14
C MET A 320 -0.57 14.84 -4.40
N ALA A 321 -0.38 14.89 -3.10
CA ALA A 321 -0.82 16.11 -2.43
C ALA A 321 0.45 16.92 -2.16
N LYS A 322 0.33 18.17 -1.75
CA LYS A 322 1.53 19.00 -1.58
C LYS A 322 1.66 19.69 -0.25
N GLY A 323 2.78 19.48 0.44
CA GLY A 323 2.98 20.18 1.69
C GLY A 323 2.72 19.40 2.96
N LEU A 324 3.70 19.47 3.85
CA LEU A 324 3.66 18.78 5.12
C LEU A 324 2.38 19.14 5.88
N GLU A 325 1.88 20.36 5.77
CA GLU A 325 0.66 20.66 6.52
C GLU A 325 -0.58 19.91 5.95
N ASN A 326 -0.43 19.19 4.86
CA ASN A 326 -1.57 18.45 4.33
C ASN A 326 -1.48 16.93 4.50
N MET A 327 -0.62 16.47 5.41
CA MET A 327 -0.51 15.03 5.66
C MET A 327 -1.89 14.52 6.12
N GLY A 328 -2.45 15.19 7.10
CA GLY A 328 -3.73 14.81 7.66
C GLY A 328 -4.82 14.61 6.64
N VAL A 329 -5.01 15.60 5.78
CA VAL A 329 -6.04 15.52 4.78
C VAL A 329 -5.66 14.53 3.68
N ALA A 330 -4.38 14.40 3.33
CA ALA A 330 -4.03 13.38 2.32
C ALA A 330 -4.29 11.96 2.90
N PHE A 331 -4.04 11.79 4.19
CA PHE A 331 -4.25 10.49 4.79
C PHE A 331 -5.76 10.17 4.79
N GLN A 332 -6.54 11.13 5.25
CA GLN A 332 -7.98 10.90 5.32
C GLN A 332 -8.61 10.68 3.96
N SER A 333 -8.15 11.47 3.00
CA SER A 333 -8.67 11.43 1.64
C SER A 333 -8.41 10.05 1.06
N MET A 334 -7.19 9.56 1.22
CA MET A 334 -6.89 8.22 0.73
C MET A 334 -7.83 7.14 1.42
N MET A 335 -8.01 7.23 2.73
CA MET A 335 -8.82 6.27 3.45
C MET A 335 -10.28 6.33 2.92
N THR A 336 -10.68 7.42 2.30
CA THR A 336 -12.03 7.48 1.80
C THR A 336 -12.08 7.43 0.29
N GLY A 337 -10.97 6.99 -0.31
CA GLY A 337 -10.94 6.85 -1.74
C GLY A 337 -10.70 8.04 -2.66
N GLY A 338 -10.00 9.08 -2.19
CA GLY A 338 -9.78 10.21 -3.07
C GLY A 338 -8.61 9.99 -4.01
N ASN A 339 -7.88 8.91 -3.75
CA ASN A 339 -6.73 8.65 -4.56
C ASN A 339 -6.98 7.62 -5.66
N VAL A 340 -6.20 7.74 -6.72
CA VAL A 340 -6.16 6.75 -7.80
C VAL A 340 -4.68 6.41 -7.78
N GLY A 341 -4.33 5.15 -7.52
CA GLY A 341 -2.91 4.84 -7.46
C GLY A 341 -2.37 5.15 -6.08
N LYS A 342 -1.07 5.21 -5.94
CA LYS A 342 -0.47 5.45 -4.63
C LYS A 342 -0.59 6.87 -4.13
N GLN A 343 -1.14 7.08 -2.93
CA GLN A 343 -1.22 8.42 -2.36
C GLN A 343 0.18 8.85 -1.90
N ILE A 344 0.61 10.05 -2.27
CA ILE A 344 1.93 10.51 -1.86
C ILE A 344 1.84 11.97 -1.48
N VAL A 345 2.73 12.44 -0.61
CA VAL A 345 2.73 13.86 -0.29
C VAL A 345 4.13 14.41 -0.57
N CYS A 346 4.17 15.44 -1.41
CA CYS A 346 5.38 16.11 -1.80
C CYS A 346 5.76 17.10 -0.72
N ILE A 347 6.96 16.94 -0.15
CA ILE A 347 7.40 17.80 0.95
C ILE A 347 8.40 18.93 0.66
N SER A 348 9.11 18.86 -0.44
CA SER A 348 10.06 19.92 -0.68
C SER A 348 10.40 19.78 -2.13
PA NDP B . -4.84 2.04 -1.65
O1A NDP B . -3.90 2.76 -2.64
O2A NDP B . -5.59 0.87 -2.16
O5B NDP B . -5.74 3.16 -1.01
C5B NDP B . -6.96 2.87 -0.24
C4B NDP B . -8.18 2.55 -1.10
O4B NDP B . -9.08 1.63 -0.33
C3B NDP B . -9.05 3.76 -1.42
O3B NDP B . -8.53 4.48 -2.53
C2B NDP B . -10.39 3.11 -1.74
O2B NDP B . -10.62 2.87 -3.13
C1B NDP B . -10.39 1.79 -0.93
N9A NDP B . -11.38 1.74 0.16
C8A NDP B . -11.48 2.53 1.26
N7A NDP B . -12.51 2.23 2.08
C5A NDP B . -13.09 1.18 1.45
C6A NDP B . -14.20 0.41 1.78
N6A NDP B . -14.95 0.62 2.88
N1A NDP B . -14.51 -0.59 0.90
C2A NDP B . -13.81 -0.85 -0.20
N3A NDP B . -12.73 -0.17 -0.61
C4A NDP B . -12.40 0.85 0.27
O3 NDP B . -3.91 1.54 -0.51
PN NDP B . -2.71 0.54 -0.48
O1N NDP B . -2.40 0.04 -1.85
O2N NDP B . -1.67 1.24 0.29
O5D NDP B . -3.24 -0.69 0.46
C5D NDP B . -4.39 -1.53 0.08
C4D NDP B . -4.54 -2.66 1.08
O4D NDP B . -3.27 -3.39 1.13
C3D NDP B . -4.81 -2.22 2.53
O3D NDP B . -5.84 -2.91 3.15
C2D NDP B . -3.44 -2.34 3.17
O2D NDP B . -3.64 -2.54 4.57
C1D NDP B . -2.91 -3.56 2.46
N1N NDP B . -1.44 -3.69 2.52
C2N NDP B . -0.92 -4.86 2.99
C3N NDP B . 0.42 -5.08 3.09
C7N NDP B . 0.95 -6.39 3.59
O7N NDP B . 2.14 -6.52 3.80
N7N NDP B . 0.01 -7.38 3.69
C4N NDP B . 1.33 -4.06 2.69
C5N NDP B . 0.79 -2.82 2.19
C6N NDP B . -0.57 -2.63 2.10
P2B NDP B . -12.13 2.79 -3.77
O1X NDP B . -12.06 1.67 -4.76
O2X NDP B . -13.03 2.60 -2.56
O3X NDP B . -12.42 4.15 -4.41
#